data_4YXC
#
_entry.id   4YXC
#
_cell.length_a   43.210
_cell.length_b   76.370
_cell.length_c   119.350
_cell.angle_alpha   90.000
_cell.angle_beta   90.000
_cell.angle_gamma   90.000
#
_symmetry.space_group_name_H-M   'P 21 21 21'
#
loop_
_entity.id
_entity.type
_entity.pdbx_description
1 polymer 'Flagellar assembly protein H,Endolysin'
2 polymer 'Flagellar motor switch protein FliM,Flagellar motor switch protein FliN'
3 water water
#
loop_
_entity_poly.entity_id
_entity_poly.type
_entity_poly.pdbx_seq_one_letter_code
_entity_poly.pdbx_strand_id
1 'polypeptide(L)'
;GPVDMSNELPWQVWTPDDLAPPNIFEMLRIDEGLRLKIYKDTEGYYTIGIGHLLTKSPSLNAAKSELDKAIGRNTNGVIT
KDEAEKLFNQDVDAAVRGILRNAKLKPVYDSLDAVRRAALINMVFQMGETGVAGFTNSLRMLQQKRWDEAAVNLAKSRWY
NQTPNRAKRVITTFRTGTWDAYAAA
;
A
2 'polypeptide(L)'
;GPVDNWRDNLVRQVQHSELELVANFADIPLRLSQILKLKPGDVLPIEKPDRIIAHVDGVPVLTSQYGTVNGQYALRVEHL
INPILNSLNEEQPKNNPSDENTGALDDLWADALNEQKATTTKSAADAVFQQLGGGDVSGAMQDIDLIMDIPVKLTVELGR
TRMTIKELLRLTQGSVVALDGLAGEPLDILINGYLIAQGEVVVVADKYGVRITDIITPSERMRRLSR
;
B
#
# COMPACT_ATOMS: atom_id res chain seq x y z
N GLY A 1 17.47 5.76 -24.92
CA GLY A 1 16.12 5.36 -24.58
C GLY A 1 15.93 3.90 -24.90
N PRO A 2 15.10 3.21 -24.11
CA PRO A 2 14.80 1.78 -24.30
C PRO A 2 13.84 1.54 -25.46
N VAL A 3 13.01 2.54 -25.74
CA VAL A 3 11.96 2.41 -26.73
C VAL A 3 11.83 3.65 -27.58
N ASP A 4 11.08 3.55 -28.67
CA ASP A 4 10.86 4.67 -29.58
C ASP A 4 9.36 4.87 -29.77
N MET A 5 8.74 5.57 -28.83
CA MET A 5 7.29 5.70 -28.80
C MET A 5 6.82 7.06 -29.26
N SER A 6 5.71 7.07 -29.99
CA SER A 6 5.07 8.31 -30.40
C SER A 6 4.29 8.87 -29.22
N ASN A 7 4.67 10.05 -28.76
CA ASN A 7 4.12 10.65 -27.54
C ASN A 7 3.24 11.85 -27.84
N GLU A 8 1.93 11.66 -27.72
CA GLU A 8 0.96 12.73 -27.93
C GLU A 8 0.70 13.49 -26.64
N LEU A 9 0.08 12.81 -25.67
CA LEU A 9 -0.29 13.42 -24.40
C LEU A 9 0.91 13.49 -23.45
N PRO A 10 0.79 14.34 -22.40
CA PRO A 10 1.85 14.38 -21.39
C PRO A 10 1.65 13.30 -20.33
N TRP A 11 1.77 12.03 -20.73
CA TRP A 11 1.67 10.93 -19.79
C TRP A 11 2.91 10.84 -18.93
N GLN A 12 2.72 10.79 -17.61
CA GLN A 12 3.82 10.59 -16.68
C GLN A 12 3.82 9.18 -16.11
N VAL A 13 4.93 8.47 -16.27
CA VAL A 13 5.17 7.17 -15.64
C VAL A 13 4.90 7.19 -14.13
N TRP A 14 4.06 6.27 -13.67
CA TRP A 14 3.59 6.29 -12.29
C TRP A 14 4.21 5.18 -11.47
N THR A 15 4.66 5.53 -10.28
CA THR A 15 5.18 4.55 -9.31
C THR A 15 4.39 4.66 -8.01
N PRO A 16 3.97 3.52 -7.47
CA PRO A 16 3.15 3.51 -6.24
C PRO A 16 3.91 3.95 -5.00
N ASP A 17 3.16 4.37 -3.98
CA ASP A 17 3.76 4.78 -2.71
C ASP A 17 4.48 3.63 -2.06
N ASP A 18 5.54 3.94 -1.34
CA ASP A 18 6.21 2.94 -0.51
C ASP A 18 5.19 2.36 0.46
N LEU A 19 5.28 1.06 0.71
CA LEU A 19 4.46 0.45 1.74
C LEU A 19 4.99 0.88 3.09
N ALA A 20 4.09 1.10 4.04
CA ALA A 20 4.47 1.36 5.42
C ALA A 20 5.43 0.29 5.89
N PRO A 21 6.44 0.69 6.69
CA PRO A 21 7.37 -0.31 7.21
C PRO A 21 6.74 -1.13 8.35
N PRO A 22 7.29 -2.32 8.63
CA PRO A 22 7.00 -2.99 9.91
C PRO A 22 7.78 -2.30 11.04
N ASN A 23 7.35 -2.40 12.30
CA ASN A 23 6.02 -2.87 12.69
C ASN A 23 5.20 -1.66 13.12
N ILE A 24 4.89 -0.79 12.16
CA ILE A 24 4.27 0.51 12.46
C ILE A 24 2.89 0.33 13.11
N PHE A 25 2.10 -0.63 12.64
CA PHE A 25 0.77 -0.86 13.18
C PHE A 25 0.81 -1.23 14.67
N GLU A 26 1.68 -2.16 15.05
CA GLU A 26 1.79 -2.55 16.46
C GLU A 26 2.35 -1.39 17.26
N MET A 27 3.32 -0.69 16.67
CA MET A 27 3.92 0.48 17.28
C MET A 27 2.86 1.51 17.67
N LEU A 28 1.97 1.80 16.73
CA LEU A 28 0.99 2.86 16.90
C LEU A 28 -0.14 2.43 17.83
N ARG A 29 -0.46 1.14 17.85
CA ARG A 29 -1.47 0.64 18.80
C ARG A 29 -0.95 0.83 20.22
N ILE A 30 0.36 0.70 20.38
CA ILE A 30 0.98 0.87 21.67
C ILE A 30 0.92 2.33 22.12
N ASP A 31 1.20 3.24 21.23
CA ASP A 31 1.29 4.63 21.63
C ASP A 31 -0.06 5.37 21.65
N GLU A 32 -0.98 4.95 20.80
CA GLU A 32 -2.24 5.66 20.64
C GLU A 32 -3.34 5.03 21.45
N GLY A 33 -3.16 3.76 21.78
CA GLY A 33 -4.18 2.99 22.48
C GLY A 33 -5.48 2.93 21.69
N LEU A 34 -6.58 2.69 22.40
CA LEU A 34 -7.86 2.57 21.74
C LEU A 34 -8.95 3.19 22.60
N ARG A 35 -9.78 4.02 22.02
CA ARG A 35 -10.98 4.49 22.70
C ARG A 35 -12.14 4.43 21.71
N LEU A 36 -13.32 3.99 22.15
CA LEU A 36 -14.42 3.88 21.19
C LEU A 36 -15.36 5.05 21.33
N LYS A 37 -14.95 6.04 22.10
CA LYS A 37 -15.76 7.23 22.29
C LYS A 37 -14.85 8.47 22.23
N ILE A 38 -15.40 9.59 21.79
CA ILE A 38 -14.57 10.78 21.54
C ILE A 38 -13.88 11.27 22.81
N TYR A 39 -12.58 11.56 22.71
CA TYR A 39 -11.80 12.07 23.82
C TYR A 39 -10.85 13.20 23.41
N LYS A 40 -10.39 13.97 24.40
CA LYS A 40 -9.36 14.97 24.15
C LYS A 40 -7.98 14.32 24.29
N ASP A 41 -7.13 14.43 23.27
CA ASP A 41 -5.85 13.72 23.31
C ASP A 41 -4.77 14.53 24.01
N THR A 42 -3.59 13.92 24.15
CA THR A 42 -2.46 14.51 24.88
C THR A 42 -2.01 15.87 24.34
N GLU A 43 -2.62 16.34 23.27
CA GLU A 43 -2.36 17.68 22.74
C GLU A 43 -3.63 18.53 22.69
N GLY A 44 -4.65 18.12 23.45
CA GLY A 44 -5.88 18.89 23.58
C GLY A 44 -6.94 18.78 22.50
N TYR A 45 -6.76 17.88 21.54
CA TYR A 45 -7.71 17.80 20.43
C TYR A 45 -8.59 16.55 20.45
N TYR A 46 -9.80 16.68 19.91
CA TYR A 46 -10.74 15.57 19.91
C TYR A 46 -10.25 14.43 19.02
N THR A 47 -10.27 13.24 19.60
CA THR A 47 -9.73 12.05 18.96
C THR A 47 -10.72 10.90 19.18
N ILE A 48 -10.51 9.79 18.46
CA ILE A 48 -11.40 8.64 18.49
C ILE A 48 -10.60 7.44 17.97
N GLY A 49 -10.98 6.23 18.36
CA GLY A 49 -10.32 5.02 17.87
C GLY A 49 -8.86 4.97 18.29
N ILE A 50 -7.98 4.73 17.32
CA ILE A 50 -6.55 4.60 17.57
C ILE A 50 -5.84 5.84 17.05
N GLY A 51 -5.92 6.93 17.84
CA GLY A 51 -5.29 8.20 17.49
C GLY A 51 -5.89 8.85 16.25
N HIS A 52 -7.18 8.64 16.00
CA HIS A 52 -7.79 9.35 14.87
C HIS A 52 -8.29 10.72 15.27
N LEU A 53 -7.47 11.72 14.97
CA LEU A 53 -7.85 13.13 15.15
C LEU A 53 -9.11 13.45 14.34
N LEU A 54 -10.10 14.03 15.00
CA LEU A 54 -11.41 14.31 14.38
C LEU A 54 -11.52 15.73 13.83
N THR A 55 -11.39 16.72 14.71
CA THR A 55 -11.29 18.13 14.33
C THR A 55 -9.99 18.71 14.83
N LYS A 56 -9.36 19.56 14.03
CA LYS A 56 -8.16 20.25 14.48
C LYS A 56 -8.48 21.15 15.67
N SER A 57 -9.67 21.74 15.65
CA SER A 57 -10.07 22.70 16.68
C SER A 57 -11.57 22.55 16.96
N PRO A 58 -12.03 23.02 18.14
CA PRO A 58 -13.41 22.96 18.64
C PRO A 58 -14.54 22.94 17.60
N SER A 59 -15.64 22.23 17.88
CA SER A 59 -15.77 21.36 19.05
C SER A 59 -16.73 20.21 18.75
N LEU A 60 -17.01 19.39 19.78
CA LEU A 60 -17.70 18.09 19.67
C LEU A 60 -18.75 17.94 18.56
N ASN A 61 -19.53 18.98 18.35
CA ASN A 61 -20.53 18.96 17.29
C ASN A 61 -19.85 18.68 15.96
N ALA A 62 -18.80 19.45 15.66
CA ALA A 62 -18.00 19.21 14.47
C ALA A 62 -17.26 17.89 14.57
N ALA A 63 -16.82 17.54 15.78
CA ALA A 63 -16.12 16.29 16.01
C ALA A 63 -17.03 15.10 15.71
N LYS A 64 -18.20 15.09 16.36
CA LYS A 64 -19.19 14.04 16.16
C LYS A 64 -19.61 13.99 14.69
N SER A 65 -19.70 15.15 14.06
CA SER A 65 -20.08 15.24 12.66
C SER A 65 -18.99 14.77 11.70
N GLU A 66 -17.74 15.14 11.98
CA GLU A 66 -16.64 14.68 11.13
C GLU A 66 -16.38 13.22 11.42
N LEU A 67 -16.79 12.78 12.60
CA LEU A 67 -16.86 11.35 12.90
C LEU A 67 -17.95 10.71 12.06
N ASP A 68 -19.09 11.38 11.99
CA ASP A 68 -20.24 10.87 11.24
C ASP A 68 -19.90 10.69 9.76
N LYS A 69 -19.11 11.62 9.20
CA LYS A 69 -18.66 11.49 7.82
C LYS A 69 -17.53 10.47 7.69
N ALA A 70 -16.69 10.36 8.72
CA ALA A 70 -15.57 9.43 8.69
C ALA A 70 -16.07 8.00 8.68
N ILE A 71 -17.14 7.74 9.43
CA ILE A 71 -17.69 6.39 9.57
C ILE A 71 -18.80 6.14 8.56
N GLY A 72 -19.56 7.20 8.26
CA GLY A 72 -20.65 7.10 7.30
C GLY A 72 -21.95 6.69 7.94
N ARG A 73 -22.10 7.01 9.23
CA ARG A 73 -23.34 6.73 9.96
C ARG A 73 -23.49 7.66 11.16
N ASN A 74 -24.59 7.53 11.89
CA ASN A 74 -24.98 8.47 12.94
C ASN A 74 -24.06 8.51 14.16
N THR A 75 -23.34 7.41 14.37
CA THR A 75 -22.32 7.24 15.41
C THR A 75 -22.65 7.72 16.84
N ASN A 76 -23.25 8.90 16.98
CA ASN A 76 -23.45 9.54 18.28
C ASN A 76 -22.16 9.60 19.11
N GLY A 77 -21.04 9.91 18.46
CA GLY A 77 -19.77 10.07 19.15
C GLY A 77 -19.16 8.76 19.63
N VAL A 78 -19.74 7.65 19.16
CA VAL A 78 -19.27 6.32 19.54
C VAL A 78 -19.16 5.43 18.31
N ILE A 79 -18.05 4.73 18.19
CA ILE A 79 -17.84 3.82 17.06
C ILE A 79 -17.58 2.38 17.51
N THR A 80 -17.39 1.49 16.55
CA THR A 80 -17.13 0.08 16.81
C THR A 80 -15.63 -0.19 16.82
N LYS A 81 -15.21 -1.25 17.49
CA LYS A 81 -13.81 -1.66 17.44
C LYS A 81 -13.35 -1.87 16.00
N ASP A 82 -14.16 -2.55 15.19
CA ASP A 82 -13.74 -2.76 13.81
C ASP A 82 -13.85 -1.48 12.97
N GLU A 83 -14.70 -0.54 13.39
CA GLU A 83 -14.68 0.80 12.80
C GLU A 83 -13.38 1.54 13.14
N ALA A 84 -12.99 1.47 14.41
CA ALA A 84 -11.71 2.01 14.86
C ALA A 84 -10.56 1.37 14.06
N GLU A 85 -10.66 0.06 13.86
CA GLU A 85 -9.63 -0.66 13.11
C GLU A 85 -9.49 -0.18 11.67
N LYS A 86 -10.61 0.01 10.98
CA LYS A 86 -10.56 0.46 9.60
C LYS A 86 -10.11 1.92 9.45
N LEU A 87 -10.51 2.78 10.40
CA LEU A 87 -9.98 4.16 10.46
C LEU A 87 -8.47 4.16 10.64
N PHE A 88 -7.99 3.27 11.49
CA PHE A 88 -6.57 3.16 11.78
C PHE A 88 -5.79 2.79 10.53
N ASN A 89 -6.19 1.68 9.91
CA ASN A 89 -5.69 1.28 8.61
C ASN A 89 -5.60 2.44 7.63
N GLN A 90 -6.71 3.16 7.43
CA GLN A 90 -6.71 4.29 6.51
C GLN A 90 -5.68 5.33 6.95
N ASP A 91 -5.69 5.66 8.24
CA ASP A 91 -4.83 6.71 8.79
C ASP A 91 -3.35 6.44 8.56
N VAL A 92 -2.91 5.21 8.83
CA VAL A 92 -1.51 4.84 8.62
C VAL A 92 -1.07 5.05 7.16
N ASP A 93 -1.93 4.63 6.23
CA ASP A 93 -1.64 4.80 4.80
C ASP A 93 -1.66 6.28 4.40
N ALA A 94 -2.57 7.05 4.97
CA ALA A 94 -2.71 8.45 4.61
C ALA A 94 -1.51 9.22 5.15
N ALA A 95 -0.97 8.78 6.27
CA ALA A 95 0.22 9.42 6.86
C ALA A 95 1.41 9.21 5.94
N VAL A 96 1.64 7.96 5.55
CA VAL A 96 2.70 7.64 4.62
C VAL A 96 2.49 8.42 3.32
N ARG A 97 1.27 8.38 2.78
CA ARG A 97 0.97 9.11 1.55
C ARG A 97 1.30 10.60 1.67
N GLY A 98 1.02 11.19 2.84
CA GLY A 98 1.26 12.61 3.06
C GLY A 98 2.74 12.98 3.16
N ILE A 99 3.48 12.19 3.94
CA ILE A 99 4.92 12.31 4.00
C ILE A 99 5.54 12.28 2.61
N LEU A 100 5.15 11.31 1.78
CA LEU A 100 5.77 11.16 0.46
C LEU A 100 5.44 12.32 -0.50
N ARG A 101 4.45 13.12 -0.14
CA ARG A 101 4.02 14.27 -0.95
C ARG A 101 4.39 15.59 -0.29
N ASN A 102 5.22 15.52 0.75
CA ASN A 102 5.58 16.68 1.55
C ASN A 102 7.00 17.09 1.22
N ALA A 103 7.12 18.21 0.51
CA ALA A 103 8.39 18.67 -0.02
C ALA A 103 9.50 18.67 1.03
N LYS A 104 9.14 18.78 2.29
CA LYS A 104 10.16 18.91 3.32
C LYS A 104 10.44 17.58 4.01
N LEU A 105 9.39 16.83 4.29
CA LEU A 105 9.51 15.53 4.95
C LEU A 105 10.05 14.44 4.03
N LYS A 106 9.73 14.50 2.74
CA LYS A 106 10.08 13.41 1.81
C LYS A 106 11.60 13.09 1.68
N PRO A 107 12.47 14.11 1.58
CA PRO A 107 13.90 13.75 1.56
C PRO A 107 14.39 13.07 2.85
N VAL A 108 13.82 13.43 4.00
CA VAL A 108 14.20 12.80 5.27
C VAL A 108 13.71 11.36 5.32
N TYR A 109 12.43 11.16 5.00
CA TYR A 109 11.83 9.83 4.94
C TYR A 109 12.64 8.89 4.04
N ASP A 110 12.91 9.34 2.82
CA ASP A 110 13.77 8.62 1.88
C ASP A 110 15.12 8.23 2.49
N SER A 111 15.75 9.17 3.19
CA SER A 111 17.03 8.93 3.85
C SER A 111 16.95 7.70 4.75
N LEU A 112 15.95 7.68 5.62
CA LEU A 112 15.88 6.74 6.73
C LEU A 112 15.70 5.27 6.33
N ASP A 113 16.33 4.39 7.10
CA ASP A 113 16.03 2.96 7.07
C ASP A 113 14.60 2.72 7.52
N ALA A 114 14.15 1.48 7.43
CA ALA A 114 12.76 1.13 7.75
C ALA A 114 12.36 1.42 9.20
N VAL A 115 13.17 1.02 10.19
CA VAL A 115 12.80 1.20 11.59
C VAL A 115 12.64 2.68 11.94
N ARG A 116 13.60 3.49 11.50
CA ARG A 116 13.54 4.93 11.72
C ARG A 116 12.42 5.61 10.91
N ARG A 117 12.04 5.06 9.76
CA ARG A 117 10.87 5.58 9.05
C ARG A 117 9.61 5.35 9.89
N ALA A 118 9.54 4.22 10.60
CA ALA A 118 8.40 3.99 11.50
C ALA A 118 8.28 5.13 12.52
N ALA A 119 9.42 5.49 13.11
CA ALA A 119 9.47 6.54 14.12
C ALA A 119 8.93 7.85 13.55
N LEU A 120 9.31 8.17 12.31
CA LEU A 120 8.89 9.41 11.66
C LEU A 120 7.38 9.39 11.38
N ILE A 121 6.87 8.25 10.94
CA ILE A 121 5.43 8.11 10.76
C ILE A 121 4.72 8.29 12.10
N ASN A 122 5.28 7.70 13.15
CA ASN A 122 4.71 7.83 14.49
C ASN A 122 4.58 9.32 14.86
N MET A 123 5.64 10.11 14.64
CA MET A 123 5.58 11.54 14.87
C MET A 123 4.45 12.17 14.07
N VAL A 124 4.44 11.90 12.76
CA VAL A 124 3.45 12.51 11.88
C VAL A 124 2.07 12.07 12.28
N PHE A 125 1.94 10.79 12.63
CA PHE A 125 0.69 10.28 13.16
C PHE A 125 0.24 11.11 14.36
N GLN A 126 1.18 11.46 15.23
CA GLN A 126 0.84 12.27 16.39
C GLN A 126 0.62 13.76 16.08
N MET A 127 1.55 14.40 15.38
CA MET A 127 1.49 15.86 15.23
C MET A 127 1.08 16.40 13.86
N GLY A 128 0.87 15.53 12.88
CA GLY A 128 0.61 15.97 11.51
C GLY A 128 1.89 16.49 10.81
N GLU A 129 1.82 16.59 9.49
CA GLU A 129 2.93 16.99 8.63
C GLU A 129 3.49 18.36 8.91
N THR A 130 2.59 19.34 9.05
CA THR A 130 2.99 20.72 9.26
C THR A 130 3.73 20.85 10.59
N GLY A 131 3.23 20.14 11.59
CA GLY A 131 3.87 20.12 12.89
C GLY A 131 5.24 19.47 12.84
N VAL A 132 5.33 18.30 12.22
CA VAL A 132 6.59 17.57 12.19
C VAL A 132 7.60 18.27 11.28
N ALA A 133 7.12 18.94 10.24
CA ALA A 133 8.02 19.66 9.32
C ALA A 133 8.65 20.86 9.97
N GLY A 134 8.19 21.20 11.17
CA GLY A 134 8.70 22.32 11.92
C GLY A 134 9.97 22.01 12.68
N PHE A 135 10.23 20.72 12.94
CA PHE A 135 11.48 20.34 13.59
C PHE A 135 12.60 20.45 12.58
N THR A 136 12.88 21.65 12.07
CA THR A 136 13.80 21.82 10.94
C THR A 136 15.17 21.20 11.19
N ASN A 137 15.80 21.61 12.28
CA ASN A 137 17.17 21.21 12.52
C ASN A 137 17.28 19.74 12.91
N SER A 138 16.31 19.23 13.66
CA SER A 138 16.29 17.81 13.99
C SER A 138 16.11 16.95 12.73
N LEU A 139 15.29 17.44 11.81
CA LEU A 139 15.07 16.75 10.54
C LEU A 139 16.37 16.69 9.73
N ARG A 140 17.04 17.83 9.56
CA ARG A 140 18.30 17.87 8.80
C ARG A 140 19.30 16.95 9.46
N MET A 141 19.24 16.88 10.78
CA MET A 141 20.10 16.02 11.57
C MET A 141 19.82 14.56 11.25
N LEU A 142 18.53 14.23 11.20
CA LEU A 142 18.07 12.90 10.83
C LEU A 142 18.50 12.52 9.41
N GLN A 143 18.33 13.47 8.49
CA GLN A 143 18.75 13.29 7.11
C GLN A 143 20.22 12.98 7.02
N GLN A 144 20.99 13.58 7.93
CA GLN A 144 22.45 13.43 7.91
C GLN A 144 22.95 12.34 8.86
N LYS A 145 22.01 11.53 9.35
CA LYS A 145 22.29 10.34 10.16
C LYS A 145 23.13 10.63 11.42
N ARG A 146 22.97 11.84 11.96
CA ARG A 146 23.56 12.21 13.24
C ARG A 146 22.56 11.87 14.33
N TRP A 147 22.58 10.60 14.73
CA TRP A 147 21.49 10.04 15.54
C TRP A 147 21.45 10.62 16.94
N ASP A 148 22.58 10.61 17.64
CA ASP A 148 22.64 11.18 18.98
C ASP A 148 22.29 12.66 18.97
N GLU A 149 22.75 13.36 17.95
CA GLU A 149 22.50 14.79 17.89
C GLU A 149 21.01 15.11 17.68
N ALA A 150 20.39 14.45 16.72
CA ALA A 150 18.93 14.58 16.56
C ALA A 150 18.22 14.14 17.85
N ALA A 151 18.67 13.04 18.42
CA ALA A 151 18.05 12.48 19.61
C ALA A 151 18.04 13.46 20.77
N VAL A 152 19.19 14.11 21.02
CA VAL A 152 19.27 15.01 22.15
C VAL A 152 18.53 16.30 21.82
N ASN A 153 18.51 16.69 20.56
CA ASN A 153 17.73 17.87 20.18
C ASN A 153 16.21 17.62 20.37
N LEU A 154 15.75 16.42 20.04
CA LEU A 154 14.33 16.08 20.09
C LEU A 154 13.79 16.10 21.51
N ALA A 155 14.66 15.80 22.47
CA ALA A 155 14.29 15.86 23.88
C ALA A 155 14.19 17.31 24.37
N LYS A 156 14.51 18.26 23.51
CA LYS A 156 14.46 19.67 23.92
C LYS A 156 13.25 20.36 23.30
N SER A 157 12.23 19.57 22.99
CA SER A 157 11.05 20.10 22.32
C SER A 157 9.84 20.16 23.24
N ARG A 158 8.88 20.99 22.88
CA ARG A 158 7.57 20.99 23.52
C ARG A 158 6.97 19.58 23.48
N TRP A 159 6.99 18.97 22.30
CA TRP A 159 6.51 17.58 22.07
C TRP A 159 6.97 16.62 23.15
N TYR A 160 8.28 16.60 23.37
CA TYR A 160 8.85 15.77 24.41
C TYR A 160 8.35 16.18 25.79
N ASN A 161 8.16 17.47 25.98
CA ASN A 161 7.82 17.99 27.29
C ASN A 161 6.35 17.66 27.59
N GLN A 162 5.55 17.59 26.55
CA GLN A 162 4.12 17.27 26.70
C GLN A 162 3.82 15.78 26.79
N THR A 163 4.61 14.96 26.12
CA THR A 163 4.42 13.51 26.20
C THR A 163 5.76 12.78 26.30
N PRO A 164 6.39 12.82 27.49
CA PRO A 164 7.76 12.29 27.66
C PRO A 164 7.89 10.79 27.40
N ASN A 165 6.92 9.99 27.84
CA ASN A 165 7.03 8.54 27.71
C ASN A 165 6.92 8.06 26.27
N ARG A 166 6.11 8.75 25.48
CA ARG A 166 5.97 8.40 24.08
C ARG A 166 7.19 8.93 23.30
N ALA A 167 7.49 10.20 23.53
CA ALA A 167 8.59 10.86 22.86
C ALA A 167 9.91 10.13 23.10
N LYS A 168 10.12 9.66 24.33
CA LYS A 168 11.32 8.88 24.66
C LYS A 168 11.43 7.64 23.78
N ARG A 169 10.32 6.91 23.65
CA ARG A 169 10.28 5.69 22.83
C ARG A 169 10.60 5.99 21.37
N VAL A 170 9.99 7.03 20.83
CA VAL A 170 10.22 7.45 19.47
C VAL A 170 11.67 7.89 19.27
N ILE A 171 12.21 8.63 20.23
CA ILE A 171 13.57 9.15 20.10
C ILE A 171 14.57 8.01 20.29
N THR A 172 14.17 6.99 21.05
CA THR A 172 15.03 5.82 21.24
C THR A 172 15.05 5.03 19.95
N THR A 173 13.95 5.11 19.21
CA THR A 173 13.89 4.42 17.94
C THR A 173 14.73 5.18 16.89
N PHE A 174 14.64 6.50 16.90
CA PHE A 174 15.48 7.33 16.03
C PHE A 174 16.95 7.11 16.31
N ARG A 175 17.30 7.04 17.58
CA ARG A 175 18.70 7.03 17.98
C ARG A 175 19.38 5.71 17.65
N THR A 176 18.66 4.63 17.94
CA THR A 176 19.21 3.28 17.93
C THR A 176 18.98 2.55 16.62
N GLY A 177 17.88 2.86 15.95
CA GLY A 177 17.51 2.13 14.76
C GLY A 177 16.98 0.75 15.10
N THR A 178 16.58 0.57 16.36
CA THR A 178 16.06 -0.71 16.85
C THR A 178 14.65 -0.60 17.41
N TRP A 179 14.08 -1.74 17.81
CA TRP A 179 12.74 -1.80 18.38
C TRP A 179 12.73 -2.03 19.88
N ASP A 180 13.89 -1.86 20.52
CA ASP A 180 14.03 -2.23 21.93
C ASP A 180 13.10 -1.42 22.84
N ALA A 181 12.68 -0.25 22.38
CA ALA A 181 11.78 0.57 23.17
C ALA A 181 10.33 0.07 23.07
N TYR A 182 10.12 -0.97 22.27
CA TYR A 182 8.80 -1.60 22.15
C TYR A 182 8.92 -3.09 22.39
N SER B 17 7.06 -25.68 -2.35
CA SER B 17 8.17 -26.26 -3.09
C SER B 17 7.79 -26.74 -4.48
N GLU B 18 7.57 -25.83 -5.46
CA GLU B 18 7.60 -24.38 -5.30
C GLU B 18 6.60 -23.72 -6.27
N LEU B 19 5.74 -22.82 -5.76
CA LEU B 19 4.70 -22.21 -6.60
C LEU B 19 4.93 -20.72 -6.83
N GLU B 20 4.15 -20.15 -7.72
CA GLU B 20 4.29 -18.74 -8.05
C GLU B 20 3.09 -17.96 -7.56
N LEU B 21 3.34 -16.99 -6.67
CA LEU B 21 2.30 -16.04 -6.30
C LEU B 21 2.29 -14.93 -7.34
N VAL B 22 1.14 -14.68 -7.95
CA VAL B 22 1.08 -13.70 -9.04
C VAL B 22 0.17 -12.54 -8.72
N ALA B 23 0.70 -11.33 -8.71
CA ALA B 23 -0.12 -10.16 -8.44
C ALA B 23 -0.64 -9.51 -9.73
N ASN B 24 -1.96 -9.40 -9.84
CA ASN B 24 -2.58 -8.74 -10.98
C ASN B 24 -2.82 -7.28 -10.69
N PHE B 25 -2.15 -6.40 -11.42
CA PHE B 25 -2.35 -4.98 -11.26
C PHE B 25 -3.72 -4.58 -11.81
N ALA B 26 -4.03 -5.10 -13.00
CA ALA B 26 -5.28 -4.74 -13.64
C ALA B 26 -5.67 -5.68 -14.78
N ASP B 27 -6.98 -5.79 -14.99
CA ASP B 27 -7.54 -6.50 -16.11
C ASP B 27 -8.16 -5.48 -17.02
N ILE B 28 -7.85 -5.55 -18.30
CA ILE B 28 -8.33 -4.55 -19.24
C ILE B 28 -9.17 -5.23 -20.33
N PRO B 29 -10.49 -5.09 -20.23
CA PRO B 29 -11.40 -5.64 -21.25
C PRO B 29 -11.25 -4.95 -22.59
N LEU B 30 -10.65 -5.63 -23.54
CA LEU B 30 -10.55 -5.14 -24.92
C LEU B 30 -11.21 -6.07 -25.96
N ARG B 31 -11.50 -5.52 -27.13
CA ARG B 31 -11.92 -6.32 -28.26
C ARG B 31 -10.72 -6.85 -29.03
N LEU B 32 -10.88 -8.01 -29.64
CA LEU B 32 -9.79 -8.65 -30.37
C LEU B 32 -9.24 -7.72 -31.42
N SER B 33 -10.12 -7.02 -32.13
CA SER B 33 -9.62 -6.09 -33.14
C SER B 33 -8.68 -5.04 -32.57
N GLN B 34 -8.92 -4.60 -31.33
CA GLN B 34 -8.02 -3.62 -30.71
C GLN B 34 -6.70 -4.28 -30.40
N ILE B 35 -6.77 -5.54 -29.97
CA ILE B 35 -5.57 -6.25 -29.58
C ILE B 35 -4.65 -6.53 -30.76
N LEU B 36 -5.25 -6.79 -31.92
CA LEU B 36 -4.46 -7.07 -33.11
C LEU B 36 -3.76 -5.80 -33.60
N LYS B 37 -4.25 -4.63 -33.19
CA LYS B 37 -3.71 -3.34 -33.67
C LYS B 37 -2.78 -2.66 -32.68
N LEU B 38 -2.58 -3.26 -31.50
CA LEU B 38 -1.80 -2.62 -30.47
C LEU B 38 -0.36 -2.47 -30.94
N LYS B 39 0.26 -1.35 -30.57
CA LYS B 39 1.66 -1.08 -30.91
C LYS B 39 2.32 -0.29 -29.78
N PRO B 40 3.67 -0.28 -29.71
CA PRO B 40 4.36 0.51 -28.69
C PRO B 40 3.87 1.94 -28.70
N GLY B 41 3.64 2.49 -27.52
CA GLY B 41 3.17 3.86 -27.44
C GLY B 41 1.68 3.94 -27.18
N ASP B 42 0.93 2.89 -27.57
CA ASP B 42 -0.50 2.86 -27.25
C ASP B 42 -0.72 2.84 -25.74
N VAL B 43 -1.63 3.70 -25.28
CA VAL B 43 -1.98 3.76 -23.88
C VAL B 43 -3.38 3.18 -23.64
N LEU B 44 -3.46 2.16 -22.79
CA LEU B 44 -4.73 1.56 -22.40
C LEU B 44 -5.20 2.17 -21.08
N PRO B 45 -6.40 2.78 -21.08
CA PRO B 45 -6.88 3.43 -19.87
C PRO B 45 -7.30 2.40 -18.81
N ILE B 46 -7.03 2.71 -17.55
CA ILE B 46 -7.38 1.86 -16.42
C ILE B 46 -7.82 2.69 -15.24
N GLU B 47 -8.54 2.05 -14.33
CA GLU B 47 -8.77 2.64 -13.03
C GLU B 47 -7.61 2.26 -12.14
N LYS B 48 -7.03 3.23 -11.43
CA LYS B 48 -5.98 2.92 -10.46
C LYS B 48 -6.63 2.06 -9.37
N PRO B 49 -6.08 0.85 -9.17
CA PRO B 49 -6.65 -0.02 -8.14
C PRO B 49 -6.12 0.36 -6.77
N ASP B 50 -6.94 0.21 -5.74
CA ASP B 50 -6.44 0.36 -4.38
C ASP B 50 -6.06 -1.02 -3.85
N ARG B 51 -7.00 -1.96 -3.84
CA ARG B 51 -6.66 -3.36 -3.52
C ARG B 51 -6.56 -4.16 -4.81
N ILE B 52 -5.75 -5.23 -4.77
CA ILE B 52 -5.59 -6.11 -5.93
C ILE B 52 -5.61 -7.58 -5.50
N ILE B 53 -5.83 -8.46 -6.46
CA ILE B 53 -5.90 -9.89 -6.18
C ILE B 53 -4.60 -10.57 -6.55
N ALA B 54 -4.08 -11.40 -5.66
CA ALA B 54 -2.97 -12.26 -6.05
C ALA B 54 -3.51 -13.68 -6.24
N HIS B 55 -2.94 -14.39 -7.21
CA HIS B 55 -3.42 -15.72 -7.52
C HIS B 55 -2.28 -16.70 -7.57
N VAL B 56 -2.63 -17.99 -7.62
CA VAL B 56 -1.68 -19.07 -7.82
C VAL B 56 -2.27 -19.99 -8.86
N ASP B 57 -1.54 -20.22 -9.94
CA ASP B 57 -2.00 -21.03 -11.06
C ASP B 57 -3.36 -20.59 -11.52
N GLY B 58 -3.60 -19.29 -11.45
CA GLY B 58 -4.82 -18.72 -11.99
C GLY B 58 -5.96 -18.70 -10.99
N VAL B 59 -5.72 -19.21 -9.79
CA VAL B 59 -6.72 -19.25 -8.74
C VAL B 59 -6.49 -18.13 -7.73
N PRO B 60 -7.44 -17.20 -7.59
CA PRO B 60 -7.31 -16.13 -6.59
C PRO B 60 -7.15 -16.67 -5.16
N VAL B 61 -6.10 -16.28 -4.45
CA VAL B 61 -5.86 -16.81 -3.10
C VAL B 61 -5.88 -15.72 -2.05
N LEU B 62 -5.68 -14.46 -2.45
CA LEU B 62 -5.74 -13.35 -1.51
C LEU B 62 -5.98 -12.00 -2.16
N THR B 63 -6.55 -11.07 -1.38
CA THR B 63 -6.55 -9.65 -1.76
C THR B 63 -5.53 -8.94 -0.90
N SER B 64 -5.08 -7.76 -1.36
CA SER B 64 -3.97 -7.07 -0.69
C SER B 64 -3.84 -5.60 -1.06
N GLN B 65 -3.13 -4.86 -0.22
CA GLN B 65 -2.64 -3.55 -0.63
C GLN B 65 -1.33 -3.79 -1.37
N TYR B 66 -0.88 -2.80 -2.13
CA TYR B 66 0.36 -2.94 -2.86
C TYR B 66 1.11 -1.62 -2.78
N GLY B 67 2.38 -1.67 -3.16
CA GLY B 67 3.25 -0.50 -3.17
C GLY B 67 4.66 -0.97 -3.43
N THR B 68 5.65 -0.28 -2.87
CA THR B 68 7.03 -0.74 -3.00
C THR B 68 7.74 -0.92 -1.66
N VAL B 69 8.74 -1.80 -1.68
CA VAL B 69 9.67 -2.02 -0.58
C VAL B 69 11.06 -2.21 -1.17
N ASN B 70 12.01 -1.38 -0.78
CA ASN B 70 13.37 -1.39 -1.34
C ASN B 70 13.37 -1.21 -2.84
N GLY B 71 12.43 -0.41 -3.36
CA GLY B 71 12.31 -0.25 -4.80
C GLY B 71 11.65 -1.43 -5.52
N GLN B 72 11.43 -2.54 -4.81
CA GLN B 72 10.71 -3.66 -5.40
C GLN B 72 9.23 -3.49 -5.20
N TYR B 73 8.42 -3.90 -6.17
CA TYR B 73 6.98 -3.95 -5.92
C TYR B 73 6.68 -4.97 -4.83
N ALA B 74 5.66 -4.69 -4.02
CA ALA B 74 5.33 -5.59 -2.92
C ALA B 74 3.87 -5.51 -2.54
N LEU B 75 3.45 -6.52 -1.80
CA LEU B 75 2.08 -6.68 -1.35
C LEU B 75 2.01 -6.67 0.16
N ARG B 76 1.01 -5.97 0.69
CA ARG B 76 0.61 -6.20 2.05
C ARG B 76 -0.73 -6.95 2.00
N VAL B 77 -0.65 -8.23 2.30
CA VAL B 77 -1.82 -9.10 2.35
C VAL B 77 -2.93 -8.54 3.23
N GLU B 78 -4.12 -8.39 2.68
CA GLU B 78 -5.25 -7.90 3.44
C GLU B 78 -6.15 -9.07 3.89
N HIS B 79 -6.60 -9.89 2.94
CA HIS B 79 -7.57 -10.94 3.23
C HIS B 79 -7.28 -12.22 2.46
N LEU B 80 -7.29 -13.36 3.14
CA LEU B 80 -7.23 -14.61 2.43
C LEU B 80 -8.59 -14.87 1.80
N ILE B 81 -8.60 -15.34 0.56
CA ILE B 81 -9.85 -15.60 -0.12
C ILE B 81 -10.27 -17.04 0.16
N ASN B 82 -11.47 -17.18 0.74
CA ASN B 82 -11.97 -18.47 1.19
C ASN B 82 -10.99 -19.37 1.93
N PRO B 83 -10.35 -18.84 2.98
CA PRO B 83 -9.40 -19.65 3.74
C PRO B 83 -9.99 -20.93 4.32
N ILE B 84 -9.15 -21.92 4.51
CA ILE B 84 -9.48 -23.17 5.16
C ILE B 84 -9.23 -23.05 6.66
N LEU B 85 -10.21 -23.47 7.46
CA LEU B 85 -10.02 -23.53 8.90
C LEU B 85 -9.14 -24.72 9.28
N ASN B 86 -7.99 -24.46 9.89
CA ASN B 86 -7.09 -25.53 10.30
C ASN B 86 -7.69 -26.46 11.37
N SER B 87 -8.10 -27.66 10.96
CA SER B 87 -8.61 -28.67 11.88
C SER B 87 -7.85 -29.99 11.71
N LEU B 88 -6.56 -29.87 11.38
CA LEU B 88 -5.69 -31.01 11.17
C LEU B 88 -5.22 -31.62 12.48
N ASN B 89 -5.51 -30.95 13.60
CA ASN B 89 -5.23 -31.50 14.92
C ASN B 89 -6.41 -32.31 15.46
N GLU B 90 -7.21 -32.89 14.55
CA GLU B 90 -8.35 -33.71 14.94
C GLU B 90 -8.76 -34.66 13.81
N GLU B 91 -9.26 -35.84 14.17
CA GLU B 91 -9.53 -36.90 13.19
C GLU B 91 -10.58 -36.54 12.13
N GLN B 92 -10.32 -36.95 10.89
CA GLN B 92 -11.26 -36.70 9.81
C GLN B 92 -12.59 -37.40 10.09
N PRO B 93 -13.71 -36.70 9.86
CA PRO B 93 -15.03 -37.33 9.98
C PRO B 93 -15.43 -38.08 8.71
N LYS B 94 -16.24 -39.12 8.86
CA LYS B 94 -16.72 -39.89 7.72
C LYS B 94 -17.66 -39.05 6.87
N ASN B 95 -18.36 -38.14 7.53
CA ASN B 95 -19.27 -37.19 6.87
C ASN B 95 -19.04 -35.77 7.37
N ASN B 96 -19.44 -34.80 6.58
CA ASN B 96 -19.47 -33.41 7.02
C ASN B 96 -20.93 -32.97 7.02
N PRO B 97 -21.38 -32.30 8.09
CA PRO B 97 -22.78 -31.87 8.14
C PRO B 97 -23.11 -30.86 7.04
N SER B 98 -22.07 -30.31 6.43
CA SER B 98 -22.21 -29.40 5.29
C SER B 98 -22.00 -30.16 3.99
N ASP B 99 -22.86 -31.16 3.76
CA ASP B 99 -22.79 -31.93 2.52
C ASP B 99 -24.12 -31.88 1.77
N ILE B 144 -9.32 -18.77 -41.60
CA ILE B 144 -10.60 -18.09 -41.45
C ILE B 144 -10.53 -16.70 -42.10
N ASP B 145 -11.48 -16.40 -42.98
CA ASP B 145 -11.56 -15.13 -43.70
C ASP B 145 -11.99 -13.94 -42.83
N LEU B 146 -13.15 -14.10 -42.19
CA LEU B 146 -13.73 -13.11 -41.30
C LEU B 146 -13.75 -13.63 -39.87
N ILE B 147 -12.91 -13.04 -39.03
CA ILE B 147 -12.78 -13.40 -37.63
C ILE B 147 -13.73 -12.61 -36.72
N MET B 148 -14.51 -13.34 -35.93
CA MET B 148 -15.37 -12.79 -34.89
C MET B 148 -14.63 -11.85 -33.96
N ASP B 149 -15.23 -10.72 -33.63
CA ASP B 149 -14.52 -9.74 -32.81
C ASP B 149 -14.84 -9.90 -31.32
N ILE B 150 -14.30 -10.96 -30.71
CA ILE B 150 -14.60 -11.29 -29.33
C ILE B 150 -13.95 -10.34 -28.35
N PRO B 151 -14.63 -10.09 -27.23
CA PRO B 151 -13.99 -9.36 -26.15
C PRO B 151 -12.92 -10.25 -25.56
N VAL B 152 -11.79 -9.67 -25.22
CA VAL B 152 -10.64 -10.41 -24.71
C VAL B 152 -10.06 -9.65 -23.51
N LYS B 153 -9.64 -10.33 -22.45
CA LYS B 153 -9.06 -9.56 -21.33
C LYS B 153 -7.54 -9.57 -21.32
N LEU B 154 -6.95 -8.36 -21.28
CA LEU B 154 -5.51 -8.22 -21.05
C LEU B 154 -5.25 -8.18 -19.54
N THR B 155 -4.33 -9.00 -19.07
CA THR B 155 -3.95 -8.93 -17.67
C THR B 155 -2.62 -8.23 -17.53
N VAL B 156 -2.58 -7.22 -16.67
CA VAL B 156 -1.32 -6.54 -16.39
C VAL B 156 -0.82 -6.97 -15.02
N GLU B 157 0.35 -7.59 -14.95
CA GLU B 157 0.86 -8.09 -13.67
C GLU B 157 1.79 -7.12 -12.95
N LEU B 158 1.53 -6.90 -11.67
CA LEU B 158 2.43 -6.07 -10.87
C LEU B 158 3.74 -6.83 -10.75
N GLY B 159 3.64 -8.14 -10.61
CA GLY B 159 4.81 -9.02 -10.55
C GLY B 159 4.48 -10.40 -9.98
N ARG B 160 5.50 -11.23 -9.82
CA ARG B 160 5.36 -12.56 -9.24
C ARG B 160 6.42 -12.83 -8.20
N THR B 161 6.14 -13.69 -7.24
CA THR B 161 7.25 -14.24 -6.46
C THR B 161 7.13 -15.77 -6.36
N ARG B 162 8.25 -16.46 -6.52
CA ARG B 162 8.29 -17.88 -6.24
C ARG B 162 8.38 -18.11 -4.73
N MET B 163 7.47 -18.91 -4.21
CA MET B 163 7.49 -19.27 -2.81
C MET B 163 7.33 -20.77 -2.66
N THR B 164 7.86 -21.30 -1.56
CA THR B 164 7.56 -22.67 -1.19
C THR B 164 6.15 -22.71 -0.66
N ILE B 165 5.55 -23.90 -0.67
CA ILE B 165 4.24 -24.14 -0.06
C ILE B 165 4.21 -23.68 1.38
N LYS B 166 5.18 -24.16 2.15
CA LYS B 166 5.28 -23.82 3.57
C LYS B 166 5.20 -22.32 3.71
N GLU B 167 5.97 -21.60 2.89
CA GLU B 167 6.03 -20.14 2.90
C GLU B 167 4.72 -19.47 2.52
N LEU B 168 4.04 -20.01 1.51
CA LEU B 168 2.74 -19.48 1.05
C LEU B 168 1.67 -19.61 2.13
N LEU B 169 1.65 -20.76 2.76
CA LEU B 169 0.59 -21.10 3.70
C LEU B 169 0.78 -20.39 5.02
N ARG B 170 1.96 -19.82 5.21
CA ARG B 170 2.29 -19.08 6.42
C ARG B 170 2.15 -17.57 6.23
N LEU B 171 1.22 -17.13 5.40
CA LEU B 171 0.91 -15.71 5.38
C LEU B 171 -0.59 -15.44 5.61
N THR B 172 -0.85 -14.33 6.29
CA THR B 172 -2.20 -13.87 6.64
C THR B 172 -2.27 -12.37 6.45
N GLN B 173 -3.31 -11.76 7.03
CA GLN B 173 -3.53 -10.33 6.95
C GLN B 173 -2.31 -9.59 7.49
N GLY B 174 -1.81 -8.62 6.73
CA GLY B 174 -0.65 -7.87 7.18
C GLY B 174 0.69 -8.43 6.77
N SER B 175 0.72 -9.64 6.21
CA SER B 175 1.97 -10.16 5.63
C SER B 175 2.42 -9.29 4.45
N VAL B 176 3.69 -8.89 4.48
CA VAL B 176 4.29 -8.12 3.39
C VAL B 176 5.08 -9.07 2.51
N VAL B 177 4.70 -9.16 1.23
CA VAL B 177 5.38 -10.03 0.27
C VAL B 177 6.08 -9.23 -0.85
N ALA B 178 7.40 -9.39 -0.97
CA ALA B 178 8.16 -8.69 -1.99
C ALA B 178 8.11 -9.43 -3.34
N LEU B 179 7.82 -8.72 -4.42
CA LEU B 179 7.76 -9.33 -5.73
C LEU B 179 9.08 -9.21 -6.46
N ASP B 180 9.25 -9.97 -7.52
CA ASP B 180 10.51 -9.96 -8.24
C ASP B 180 10.65 -8.79 -9.23
N GLY B 181 9.60 -7.98 -9.38
CA GLY B 181 9.63 -6.82 -10.27
C GLY B 181 10.09 -5.52 -9.58
N LEU B 182 10.95 -4.77 -10.25
CA LEU B 182 11.43 -3.47 -9.76
C LEU B 182 10.48 -2.32 -10.13
N ALA B 183 10.34 -1.34 -9.24
CA ALA B 183 9.51 -0.19 -9.54
C ALA B 183 10.11 0.61 -10.70
N GLY B 184 9.29 0.94 -11.69
CA GLY B 184 9.78 1.64 -12.86
C GLY B 184 9.98 0.75 -14.06
N GLU B 185 10.52 -0.44 -13.84
CA GLU B 185 10.74 -1.42 -14.89
C GLU B 185 9.38 -1.91 -15.40
N PRO B 186 9.24 -2.13 -16.72
CA PRO B 186 7.94 -2.42 -17.35
C PRO B 186 7.26 -3.68 -16.84
N LEU B 187 5.93 -3.69 -16.91
CA LEU B 187 5.11 -4.82 -16.45
C LEU B 187 4.73 -5.79 -17.55
N ASP B 188 4.58 -7.05 -17.17
CA ASP B 188 4.07 -8.08 -18.07
C ASP B 188 2.62 -7.84 -18.40
N ILE B 189 2.28 -7.96 -19.68
CA ILE B 189 0.89 -7.90 -20.12
C ILE B 189 0.59 -9.26 -20.76
N LEU B 190 -0.46 -9.90 -20.28
CA LEU B 190 -0.80 -11.26 -20.73
C LEU B 190 -2.18 -11.35 -21.35
N ILE B 191 -2.36 -12.43 -22.10
CA ILE B 191 -3.59 -12.74 -22.79
C ILE B 191 -3.76 -14.22 -22.58
N ASN B 192 -4.97 -14.66 -22.23
CA ASN B 192 -5.22 -16.06 -21.92
C ASN B 192 -4.10 -16.72 -21.08
N GLY B 193 -3.52 -15.98 -20.14
CA GLY B 193 -2.41 -16.54 -19.38
C GLY B 193 -1.10 -16.57 -20.16
N TYR B 194 -1.03 -15.86 -21.30
CA TYR B 194 0.23 -15.76 -22.10
C TYR B 194 0.79 -14.41 -22.24
N LEU B 195 2.11 -14.35 -22.03
CA LEU B 195 2.83 -13.11 -22.17
C LEU B 195 2.73 -12.68 -23.61
N ILE B 196 2.23 -11.47 -23.86
CA ILE B 196 2.28 -10.95 -25.22
C ILE B 196 2.94 -9.57 -25.28
N ALA B 197 3.08 -8.90 -24.14
CA ALA B 197 3.58 -7.54 -24.16
C ALA B 197 4.13 -7.04 -22.83
N GLN B 198 4.74 -5.86 -22.88
CA GLN B 198 5.13 -5.15 -21.67
C GLN B 198 4.63 -3.75 -21.76
N GLY B 199 4.42 -3.16 -20.59
CA GLY B 199 3.81 -1.85 -20.50
C GLY B 199 4.20 -1.17 -19.22
N GLU B 200 3.92 0.12 -19.14
CA GLU B 200 4.24 0.88 -17.94
C GLU B 200 3.01 1.63 -17.49
N VAL B 201 2.81 1.69 -16.18
CA VAL B 201 1.70 2.46 -15.66
C VAL B 201 2.04 3.93 -15.78
N VAL B 202 1.08 4.70 -16.24
CA VAL B 202 1.33 6.06 -16.63
C VAL B 202 0.07 6.85 -16.28
N VAL B 203 0.20 8.17 -16.12
CA VAL B 203 -0.90 8.99 -15.63
C VAL B 203 -0.82 10.44 -16.14
N VAL B 204 -1.97 10.99 -16.54
CA VAL B 204 -2.08 12.43 -16.71
C VAL B 204 -3.16 12.93 -15.80
N ALA B 205 -2.82 13.90 -14.97
CA ALA B 205 -3.77 14.56 -14.10
C ALA B 205 -4.51 13.55 -13.24
N ASP B 206 -5.74 13.27 -13.67
CA ASP B 206 -6.63 12.39 -12.94
C ASP B 206 -6.71 11.00 -13.55
N LYS B 207 -6.34 10.90 -14.83
CA LYS B 207 -6.52 9.67 -15.62
C LYS B 207 -5.31 8.73 -15.61
N TYR B 208 -5.53 7.46 -15.28
CA TYR B 208 -4.46 6.47 -15.31
C TYR B 208 -4.57 5.57 -16.52
N GLY B 209 -3.43 5.06 -16.97
CA GLY B 209 -3.40 4.12 -18.07
C GLY B 209 -2.20 3.20 -18.01
N VAL B 210 -2.13 2.30 -18.99
CA VAL B 210 -0.97 1.42 -19.17
C VAL B 210 -0.43 1.64 -20.58
N ARG B 211 0.80 2.09 -20.66
CA ARG B 211 1.37 2.39 -21.96
C ARG B 211 2.18 1.20 -22.46
N ILE B 212 1.81 0.67 -23.62
CA ILE B 212 2.58 -0.41 -24.23
C ILE B 212 4.02 0.01 -24.54
N THR B 213 5.00 -0.74 -24.02
CA THR B 213 6.40 -0.42 -24.36
C THR B 213 7.00 -1.42 -25.36
N ASP B 214 6.38 -2.58 -25.47
CA ASP B 214 6.92 -3.71 -26.23
C ASP B 214 5.83 -4.76 -26.43
N ILE B 215 5.76 -5.39 -27.61
CA ILE B 215 4.67 -6.29 -27.92
C ILE B 215 5.01 -7.24 -29.08
N ILE B 216 4.53 -8.48 -29.00
CA ILE B 216 4.73 -9.45 -30.08
C ILE B 216 3.86 -9.13 -31.29
N THR B 217 4.05 -9.87 -32.37
CA THR B 217 3.33 -9.63 -33.61
C THR B 217 1.87 -10.06 -33.53
N PRO B 218 1.00 -9.43 -34.36
CA PRO B 218 -0.42 -9.81 -34.38
C PRO B 218 -0.65 -11.29 -34.53
N SER B 219 0.05 -11.94 -35.46
CA SER B 219 -0.11 -13.37 -35.68
C SER B 219 0.18 -14.14 -34.40
N GLU B 220 1.19 -13.69 -33.68
CA GLU B 220 1.57 -14.33 -32.44
C GLU B 220 0.59 -14.00 -31.31
N ARG B 221 -0.05 -12.83 -31.35
CA ARG B 221 -1.05 -12.53 -30.33
C ARG B 221 -2.21 -13.49 -30.51
N MET B 222 -2.63 -13.63 -31.77
CA MET B 222 -3.66 -14.58 -32.13
C MET B 222 -3.32 -15.98 -31.63
N ARG B 223 -2.08 -16.42 -31.88
CA ARG B 223 -1.63 -17.76 -31.49
C ARG B 223 -1.72 -18.02 -29.98
N ARG B 224 -1.28 -17.06 -29.18
CA ARG B 224 -1.35 -17.22 -27.73
C ARG B 224 -2.81 -17.21 -27.28
N LEU B 225 -3.64 -16.46 -28.01
CA LEU B 225 -5.04 -16.28 -27.67
C LEU B 225 -5.83 -17.56 -27.83
N SER B 226 -5.63 -18.21 -28.98
CA SER B 226 -6.36 -19.44 -29.28
C SER B 226 -5.92 -20.60 -28.39
N ARG B 227 -4.69 -21.06 -28.59
CA ARG B 227 -4.14 -22.29 -28.01
C ARG B 227 -5.17 -23.38 -27.79
#